data_5W95
#
_entry.id   5W95
#
_cell.length_a   57.188
_cell.length_b   91.300
_cell.length_c   101.391
_cell.angle_alpha   90.00
_cell.angle_beta   90.00
_cell.angle_gamma   90.00
#
_symmetry.space_group_name_H-M   'P 21 21 21'
#
loop_
_entity.id
_entity.type
_entity.pdbx_description
1 polymer 'Conserved membrane protein of uncharacterised function'
2 non-polymer 'PENTAETHYLENE GLYCOL'
3 water water
#
_entity_poly.entity_id   1
_entity_poly.type   'polypeptide(L)'
_entity_poly.pdbx_seq_one_letter_code
;MHHHHHHSSGLEVLFQGPASCPDVQMISVPGTWESSPQQNPLNPVQFPKALLLKVTGPIAQQFAPARVQTYTVAYTAQFH
NPLTTDNQMSYNDSRAEGTRAMVAAMTDMNNRCPLTSYVLIGFSQGAVIAGDVASDIGNGRGPVDEDLVLGVTLIADGRR
QQGVGNQVPPSPRGEGAEITLHEVPVLSGLGLTMTGPRPGGFGALDGRTNEICAQGDLICAAPAQAFSPANLPTTLNTLA
GGAGQPVHAMYATPEFWNSDGEPATEWTLNWAHQLIENAPHPKHR
;
_entity_poly.pdbx_strand_id   A,B
#
# COMPACT_ATOMS: atom_id res chain seq x y z
N SER A 20 -2.26 28.41 43.28
CA SER A 20 -0.91 28.93 43.13
C SER A 20 -0.05 28.06 42.19
N CYS A 21 1.27 28.27 42.23
CA CYS A 21 2.17 27.63 41.28
C CYS A 21 2.78 26.33 41.85
N PRO A 22 2.63 25.22 41.11
CA PRO A 22 3.34 24.00 41.51
C PRO A 22 4.83 24.14 41.23
N ASP A 23 5.67 23.52 42.05
CA ASP A 23 7.11 23.55 41.80
C ASP A 23 7.44 22.89 40.46
N VAL A 24 6.65 21.86 40.13
CA VAL A 24 6.87 21.06 38.93
C VAL A 24 5.56 20.76 38.24
N GLN A 25 5.52 20.88 36.92
CA GLN A 25 4.39 20.36 36.16
C GLN A 25 4.84 19.12 35.42
N MET A 26 4.14 18.02 35.64
CA MET A 26 4.41 16.80 34.88
C MET A 26 3.41 16.68 33.75
N ILE A 27 3.88 16.84 32.51
CA ILE A 27 3.00 16.78 31.35
C ILE A 27 3.09 15.40 30.70
N SER A 28 1.93 14.76 30.55
CA SER A 28 1.82 13.41 30.01
C SER A 28 1.03 13.45 28.71
N VAL A 29 1.61 12.94 27.64
CA VAL A 29 0.92 12.94 26.35
C VAL A 29 0.50 11.52 25.98
N PRO A 30 -0.80 11.21 26.09
CA PRO A 30 -1.25 9.84 25.83
C PRO A 30 -1.06 9.38 24.40
N GLY A 31 -1.16 8.08 24.20
CA GLY A 31 -1.06 7.49 22.88
C GLY A 31 -2.37 7.58 22.12
N THR A 32 -2.37 6.99 20.92
CA THR A 32 -3.56 6.95 20.10
C THR A 32 -4.66 6.18 20.85
N TRP A 33 -5.88 6.70 20.77
CA TRP A 33 -7.06 6.13 21.43
C TRP A 33 -6.98 6.22 22.98
N GLU A 34 -6.17 7.15 23.49
CA GLU A 34 -6.04 7.35 24.93
C GLU A 34 -6.31 8.80 25.38
N SER A 35 -6.87 9.61 24.48
CA SER A 35 -7.23 10.98 24.85
C SER A 35 -8.36 11.48 23.98
N SER A 36 -8.94 12.60 24.39
CA SER A 36 -9.91 13.33 23.56
C SER A 36 -9.78 14.80 23.91
N PRO A 37 -10.24 15.69 23.01
CA PRO A 37 -10.16 17.11 23.34
C PRO A 37 -11.07 17.51 24.50
N GLN A 38 -11.99 16.62 24.85
CA GLN A 38 -12.96 16.88 25.92
C GLN A 38 -12.52 16.35 27.27
N GLN A 39 -11.41 15.61 27.32
CA GLN A 39 -10.93 15.05 28.59
C GLN A 39 -10.24 16.14 29.42
N ASN A 40 -10.61 16.26 30.69
CA ASN A 40 -9.99 17.24 31.57
C ASN A 40 -8.54 16.83 31.89
N PRO A 41 -7.56 17.66 31.52
CA PRO A 41 -6.15 17.31 31.74
C PRO A 41 -5.78 17.12 33.20
N LEU A 42 -6.55 17.76 34.10
CA LEU A 42 -6.27 17.68 35.52
C LEU A 42 -6.95 16.48 36.17
N ASN A 43 -7.88 15.88 35.44
CA ASN A 43 -8.63 14.73 35.93
C ASN A 43 -9.05 13.83 34.77
N PRO A 44 -8.09 13.10 34.19
CA PRO A 44 -8.31 12.34 32.94
C PRO A 44 -9.01 11.00 33.18
N VAL A 45 -10.33 11.02 33.20
CA VAL A 45 -11.09 9.83 33.50
C VAL A 45 -11.73 9.17 32.27
N GLN A 46 -11.57 9.77 31.10
CA GLN A 46 -12.29 9.27 29.92
C GLN A 46 -11.72 7.97 29.39
N PHE A 47 -10.42 7.78 29.56
CA PHE A 47 -9.73 6.60 29.07
C PHE A 47 -8.98 5.90 30.21
N PRO A 48 -9.72 5.14 31.03
CA PRO A 48 -9.23 4.50 32.25
C PRO A 48 -8.10 3.51 32.01
N LYS A 49 -7.99 2.96 30.81
CA LYS A 49 -6.97 1.96 30.50
C LYS A 49 -5.69 2.57 29.91
N ALA A 50 -5.68 3.89 29.76
CA ALA A 50 -4.52 4.58 29.18
C ALA A 50 -3.23 4.27 29.95
N LEU A 51 -2.17 3.98 29.20
CA LEU A 51 -0.90 3.55 29.78
C LEU A 51 -0.34 4.51 30.82
N LEU A 52 -0.25 5.80 30.47
CA LEU A 52 0.54 6.72 31.30
C LEU A 52 -0.18 7.13 32.59
N LEU A 53 -1.43 6.68 32.76
CA LEU A 53 -2.13 6.86 34.01
C LEU A 53 -1.43 6.09 35.12
N LYS A 54 -0.71 5.03 34.73
CA LYS A 54 0.03 4.22 35.67
C LYS A 54 1.27 4.95 36.18
N VAL A 55 1.56 6.09 35.57
CA VAL A 55 2.63 6.97 36.02
C VAL A 55 2.08 8.22 36.68
N THR A 56 1.17 8.92 36.01
CA THR A 56 0.67 10.17 36.57
C THR A 56 -0.24 9.97 37.78
N GLY A 57 -0.95 8.84 37.82
CA GLY A 57 -1.82 8.54 38.94
C GLY A 57 -1.05 8.44 40.25
N PRO A 58 -0.10 7.51 40.32
CA PRO A 58 0.73 7.39 41.51
C PRO A 58 1.49 8.67 41.88
N ILE A 59 1.99 9.41 40.89
CA ILE A 59 2.72 10.64 41.18
C ILE A 59 1.88 11.63 41.98
N ALA A 60 0.61 11.79 41.57
CA ALA A 60 -0.31 12.70 42.24
C ALA A 60 -0.59 12.25 43.67
N GLN A 61 -0.38 10.97 43.95
CA GLN A 61 -0.56 10.44 45.30
C GLN A 61 0.69 10.60 46.15
N GLN A 62 1.86 10.55 45.52
CA GLN A 62 3.12 10.56 46.24
C GLN A 62 3.58 11.97 46.61
N PHE A 63 3.01 12.98 45.96
CA PHE A 63 3.43 14.35 46.21
C PHE A 63 2.24 15.28 46.43
N ALA A 64 2.48 16.32 47.25
CA ALA A 64 1.50 17.38 47.45
C ALA A 64 1.33 18.19 46.17
N PRO A 65 0.11 18.73 45.93
CA PRO A 65 -0.18 19.53 44.74
C PRO A 65 0.74 20.73 44.60
N ALA A 66 1.21 21.27 45.72
CA ALA A 66 2.16 22.38 45.71
C ALA A 66 3.50 21.96 45.10
N ARG A 67 3.82 20.67 45.19
CA ARG A 67 5.10 20.17 44.69
C ARG A 67 5.02 19.78 43.22
N VAL A 68 3.95 19.09 42.84
CA VAL A 68 3.78 18.73 41.44
C VAL A 68 2.30 18.69 41.03
N GLN A 69 2.03 19.24 39.86
CA GLN A 69 0.74 19.08 39.19
C GLN A 69 0.91 18.15 37.98
N THR A 70 0.09 17.12 37.89
CA THR A 70 0.06 16.29 36.67
C THR A 70 -0.95 16.88 35.68
N TYR A 71 -0.59 16.79 34.40
CA TYR A 71 -1.37 17.36 33.32
C TYR A 71 -1.36 16.38 32.17
N THR A 72 -2.51 15.81 31.85
CA THR A 72 -2.60 14.85 30.75
C THR A 72 -3.20 15.53 29.53
N VAL A 73 -2.43 15.59 28.46
CA VAL A 73 -2.83 16.37 27.30
C VAL A 73 -4.11 15.86 26.65
N ALA A 74 -5.04 16.81 26.42
CA ALA A 74 -6.32 16.52 25.79
C ALA A 74 -6.22 16.75 24.30
N TYR A 75 -6.31 15.69 23.53
CA TYR A 75 -6.29 15.81 22.08
C TYR A 75 -6.99 14.63 21.40
N THR A 76 -7.27 14.76 20.11
CA THR A 76 -8.12 13.77 19.43
C THR A 76 -7.54 12.36 19.50
N ALA A 77 -6.21 12.25 19.39
CA ALA A 77 -5.50 10.98 19.57
C ALA A 77 -6.08 9.86 18.70
N GLN A 78 -6.04 10.08 17.39
CA GLN A 78 -6.57 9.10 16.45
C GLN A 78 -5.58 8.87 15.32
N PHE A 79 -5.85 7.87 14.50
CA PHE A 79 -4.95 7.54 13.40
C PHE A 79 -5.77 6.84 12.32
N HIS A 80 -6.27 7.63 11.39
CA HIS A 80 -7.07 7.10 10.29
C HIS A 80 -6.28 6.10 9.46
N ASN A 81 -6.88 4.95 9.21
CA ASN A 81 -6.33 4.00 8.25
C ASN A 81 -6.98 4.27 6.90
N PRO A 82 -6.17 4.68 5.90
CA PRO A 82 -6.75 5.03 4.59
C PRO A 82 -7.36 3.82 3.88
N LEU A 83 -6.95 2.61 4.25
CA LEU A 83 -7.47 1.39 3.65
C LEU A 83 -8.85 1.04 4.18
N THR A 84 -9.26 1.72 5.24
CA THR A 84 -10.53 1.43 5.88
C THR A 84 -11.48 2.59 5.75
N THR A 85 -12.68 2.39 6.27
CA THR A 85 -13.70 3.43 6.29
C THR A 85 -13.95 3.91 7.71
N ASP A 86 -12.92 3.85 8.56
CA ASP A 86 -13.07 4.31 9.94
C ASP A 86 -13.36 5.82 9.89
N ASN A 87 -13.93 6.36 10.95
CA ASN A 87 -14.31 7.78 10.94
C ASN A 87 -13.25 8.62 11.65
N GLN A 88 -11.99 8.16 11.58
CA GLN A 88 -10.94 8.78 12.38
C GLN A 88 -10.22 9.94 11.71
N MET A 89 -9.74 10.87 12.54
CA MET A 89 -8.89 11.96 12.10
C MET A 89 -7.59 11.40 11.57
N SER A 90 -6.99 12.07 10.60
CA SER A 90 -5.70 11.65 10.09
C SER A 90 -4.64 11.77 11.16
N TYR A 91 -3.61 10.92 11.07
CA TYR A 91 -2.45 11.03 11.95
C TYR A 91 -1.90 12.45 11.94
N ASN A 92 -1.76 13.02 10.75
CA ASN A 92 -1.21 14.37 10.63
C ASN A 92 -2.00 15.37 11.46
N ASP A 93 -3.32 15.35 11.34
CA ASP A 93 -4.13 16.32 12.06
C ASP A 93 -4.18 16.04 13.57
N SER A 94 -4.24 14.77 13.94
CA SER A 94 -4.27 14.39 15.35
C SER A 94 -2.97 14.80 16.04
N ARG A 95 -1.87 14.49 15.37
CA ARG A 95 -0.55 14.80 15.90
C ARG A 95 -0.34 16.30 16.03
N ALA A 96 -0.81 17.06 15.04
CA ALA A 96 -0.71 18.51 15.10
C ALA A 96 -1.52 19.05 16.27
N GLU A 97 -2.74 18.53 16.43
CA GLU A 97 -3.59 18.98 17.54
C GLU A 97 -2.94 18.74 18.90
N GLY A 98 -2.36 17.55 19.06
CA GLY A 98 -1.70 17.19 20.31
C GLY A 98 -0.47 18.02 20.59
N THR A 99 0.30 18.30 19.55
CA THR A 99 1.49 19.12 19.68
C THR A 99 1.09 20.53 20.13
N ARG A 100 0.09 21.09 19.47
CA ARG A 100 -0.37 22.42 19.84
C ARG A 100 -0.91 22.43 21.27
N ALA A 101 -1.59 21.36 21.67
CA ALA A 101 -2.17 21.31 23.01
C ALA A 101 -1.06 21.23 24.06
N MET A 102 -0.02 20.46 23.75
CA MET A 102 1.10 20.33 24.68
C MET A 102 1.84 21.64 24.83
N VAL A 103 2.09 22.29 23.69
CA VAL A 103 2.78 23.58 23.69
C VAL A 103 1.94 24.60 24.45
N ALA A 104 0.62 24.55 24.26
CA ALA A 104 -0.28 25.48 24.94
C ALA A 104 -0.22 25.31 26.47
N ALA A 105 -0.16 24.07 26.92
CA ALA A 105 -0.08 23.78 28.34
C ALA A 105 1.21 24.36 28.94
N MET A 106 2.32 24.17 28.25
CA MET A 106 3.61 24.67 28.73
C MET A 106 3.66 26.19 28.69
N THR A 107 3.12 26.76 27.63
CA THR A 107 3.07 28.21 27.49
C THR A 107 2.26 28.83 28.62
N ASP A 108 1.11 28.22 28.90
CA ASP A 108 0.23 28.72 29.96
C ASP A 108 0.90 28.60 31.32
N MET A 109 1.47 27.43 31.63
CA MET A 109 2.13 27.26 32.92
C MET A 109 3.32 28.21 33.05
N ASN A 110 4.09 28.38 31.97
CA ASN A 110 5.30 29.19 32.09
C ASN A 110 4.95 30.68 32.19
N ASN A 111 3.85 31.06 31.53
CA ASN A 111 3.35 32.43 31.64
C ASN A 111 3.00 32.76 33.09
N ARG A 112 2.22 31.85 33.69
CA ARG A 112 1.66 32.07 35.00
C ARG A 112 2.64 31.76 36.12
N CYS A 113 3.58 30.86 35.83
CA CYS A 113 4.49 30.32 36.85
C CYS A 113 5.90 30.19 36.26
N PRO A 114 6.59 31.32 36.10
CA PRO A 114 7.85 31.31 35.33
C PRO A 114 8.96 30.50 35.98
N LEU A 115 8.81 30.11 37.25
CA LEU A 115 9.89 29.39 37.95
C LEU A 115 9.63 27.89 38.03
N THR A 116 8.45 27.47 37.57
CA THR A 116 8.07 26.06 37.54
C THR A 116 8.89 25.26 36.54
N SER A 117 9.32 24.07 36.97
CA SER A 117 10.06 23.13 36.11
C SER A 117 9.13 22.03 35.57
N TYR A 118 9.63 21.27 34.59
CA TYR A 118 8.78 20.31 33.87
C TYR A 118 9.36 18.91 33.80
N VAL A 119 8.47 17.93 33.92
CA VAL A 119 8.78 16.54 33.58
C VAL A 119 7.84 16.18 32.44
N LEU A 120 8.40 15.71 31.33
CA LEU A 120 7.61 15.42 30.14
C LEU A 120 7.64 13.93 29.83
N ILE A 121 6.46 13.33 29.65
CA ILE A 121 6.40 11.93 29.23
C ILE A 121 5.37 11.76 28.11
N GLY A 122 5.56 10.75 27.28
CA GLY A 122 4.62 10.50 26.22
C GLY A 122 4.69 9.06 25.74
N PHE A 123 3.59 8.57 25.19
CA PHE A 123 3.51 7.20 24.71
C PHE A 123 3.01 7.17 23.28
N SER A 124 3.76 6.49 22.40
CA SER A 124 3.33 6.23 21.02
C SER A 124 3.12 7.53 20.27
N GLN A 125 1.90 7.80 19.78
CA GLN A 125 1.65 9.09 19.14
C GLN A 125 2.03 10.24 20.10
N GLY A 126 1.77 10.04 21.37
CA GLY A 126 2.14 11.01 22.40
C GLY A 126 3.64 11.14 22.60
N ALA A 127 4.37 10.05 22.35
CA ALA A 127 5.84 10.08 22.39
C ALA A 127 6.41 10.86 21.21
N VAL A 128 5.80 10.71 20.05
CA VAL A 128 6.23 11.51 18.92
C VAL A 128 6.04 12.98 19.24
N ILE A 129 4.85 13.31 19.74
CA ILE A 129 4.52 14.69 20.10
C ILE A 129 5.49 15.23 21.17
N ALA A 130 5.65 14.48 22.25
CA ALA A 130 6.49 14.97 23.35
C ALA A 130 7.94 15.10 22.90
N GLY A 131 8.40 14.17 22.06
CA GLY A 131 9.76 14.23 21.55
C GLY A 131 9.96 15.42 20.64
N ASP A 132 8.93 15.76 19.86
CA ASP A 132 8.99 16.90 18.96
C ASP A 132 9.15 18.19 19.75
N VAL A 133 8.38 18.31 20.83
CA VAL A 133 8.41 19.50 21.66
C VAL A 133 9.73 19.54 22.44
N ALA A 134 10.21 18.39 22.91
CA ALA A 134 11.51 18.32 23.57
C ALA A 134 12.62 18.78 22.62
N SER A 135 12.54 18.36 21.37
CA SER A 135 13.52 18.77 20.37
C SER A 135 13.48 20.29 20.19
N ASP A 136 12.29 20.87 20.13
CA ASP A 136 12.18 22.32 20.02
C ASP A 136 12.81 23.02 21.23
N ILE A 137 12.50 22.53 22.41
CA ILE A 137 13.01 23.16 23.62
C ILE A 137 14.53 23.04 23.68
N GLY A 138 15.04 21.84 23.38
CA GLY A 138 16.47 21.61 23.44
C GLY A 138 17.27 22.41 22.44
N ASN A 139 16.61 22.86 21.38
CA ASN A 139 17.27 23.61 20.32
C ASN A 139 16.95 25.10 20.39
N GLY A 140 16.43 25.51 21.54
CA GLY A 140 16.21 26.92 21.83
C GLY A 140 15.06 27.52 21.06
N ARG A 141 14.13 26.68 20.61
CA ARG A 141 13.00 27.13 19.81
C ARG A 141 11.74 27.33 20.65
N GLY A 142 11.84 27.15 21.97
CA GLY A 142 10.70 27.30 22.87
C GLY A 142 9.87 26.03 22.94
N PRO A 143 8.75 26.06 23.70
CA PRO A 143 8.11 27.23 24.32
C PRO A 143 8.70 27.66 25.65
N VAL A 144 9.59 26.86 26.21
CA VAL A 144 10.25 27.27 27.45
C VAL A 144 11.75 27.06 27.30
N ASP A 145 12.53 27.69 28.17
CA ASP A 145 13.98 27.52 28.13
C ASP A 145 14.34 26.12 28.59
N GLU A 146 15.43 25.58 28.04
CA GLU A 146 15.78 24.18 28.33
C GLU A 146 16.04 23.93 29.82
N ASP A 147 16.54 24.95 30.53
CA ASP A 147 16.92 24.74 31.92
C ASP A 147 15.72 24.40 32.82
N LEU A 148 14.51 24.69 32.36
CA LEU A 148 13.31 24.36 33.13
C LEU A 148 12.84 22.92 32.94
N VAL A 149 13.41 22.20 31.98
CA VAL A 149 12.99 20.83 31.79
C VAL A 149 13.87 19.87 32.59
N LEU A 150 13.28 19.17 33.56
CA LEU A 150 14.04 18.24 34.40
C LEU A 150 14.41 16.95 33.67
N GLY A 151 13.53 16.50 32.78
CA GLY A 151 13.73 15.25 32.08
C GLY A 151 12.57 14.91 31.18
N VAL A 152 12.82 14.04 30.22
CA VAL A 152 11.84 13.61 29.24
C VAL A 152 11.94 12.11 29.11
N THR A 153 10.81 11.40 29.16
CA THR A 153 10.83 9.98 28.82
C THR A 153 9.79 9.65 27.76
N LEU A 154 10.25 8.99 26.70
CA LEU A 154 9.41 8.68 25.54
C LEU A 154 9.27 7.17 25.42
N ILE A 155 8.03 6.67 25.52
CA ILE A 155 7.80 5.23 25.34
C ILE A 155 7.18 4.97 23.95
N ALA A 156 7.83 4.10 23.16
CA ALA A 156 7.39 3.75 21.81
C ALA A 156 7.32 4.98 20.90
N ASP A 157 8.44 5.69 20.82
CA ASP A 157 8.57 6.87 19.96
C ASP A 157 8.71 6.47 18.49
N GLY A 158 7.75 6.91 17.67
CA GLY A 158 7.80 6.62 16.24
C GLY A 158 8.97 7.25 15.51
N ARG A 159 9.60 8.26 16.12
CA ARG A 159 10.80 8.87 15.53
C ARG A 159 12.07 8.48 16.28
N ARG A 160 12.02 7.41 17.05
CA ARG A 160 13.20 6.92 17.77
C ARG A 160 14.39 6.69 16.85
N GLN A 161 15.54 7.17 17.28
CA GLN A 161 16.73 7.13 16.47
C GLN A 161 17.89 6.66 17.33
N GLN A 162 18.61 5.65 16.85
CA GLN A 162 19.82 5.18 17.52
C GLN A 162 20.76 6.36 17.63
N GLY A 163 21.32 6.58 18.81
CA GLY A 163 22.28 7.66 18.96
C GLY A 163 21.66 9.00 19.31
N VAL A 164 20.34 9.08 19.36
CA VAL A 164 19.65 10.31 19.73
C VAL A 164 18.86 10.11 21.03
N GLY A 165 19.28 10.77 22.10
CA GLY A 165 18.71 10.53 23.41
C GLY A 165 19.31 9.29 24.06
N ASN A 166 18.90 9.01 25.30
CA ASN A 166 19.39 7.84 26.02
C ASN A 166 18.49 6.65 25.76
N GLN A 167 19.00 5.60 25.11
CA GLN A 167 18.17 4.41 24.91
C GLN A 167 18.18 3.58 26.19
N VAL A 168 17.06 3.52 26.91
CA VAL A 168 17.08 2.82 28.20
C VAL A 168 17.22 1.32 27.94
N PRO A 169 18.29 0.70 28.46
CA PRO A 169 18.48 -0.72 28.10
C PRO A 169 17.40 -1.61 28.74
N PRO A 170 16.94 -2.64 28.02
CA PRO A 170 17.42 -3.05 26.70
C PRO A 170 16.90 -2.22 25.53
N SER A 171 17.80 -1.86 24.63
CA SER A 171 17.46 -1.07 23.43
C SER A 171 17.44 -1.96 22.18
N PRO A 172 16.26 -2.11 21.56
CA PRO A 172 16.17 -2.99 20.39
C PRO A 172 16.84 -2.41 19.16
N ARG A 173 17.29 -3.28 18.25
CA ARG A 173 17.87 -2.85 16.99
C ARG A 173 16.80 -2.22 16.12
N GLY A 174 17.21 -1.26 15.31
CA GLY A 174 16.29 -0.63 14.39
C GLY A 174 15.89 0.76 14.88
N GLU A 175 15.14 1.45 14.04
CA GLU A 175 14.74 2.81 14.36
C GLU A 175 13.24 2.92 14.20
N GLY A 176 12.69 4.06 14.61
CA GLY A 176 11.25 4.27 14.54
C GLY A 176 10.68 4.18 13.13
N ALA A 177 9.43 3.76 13.04
CA ALA A 177 8.76 3.64 11.74
C ALA A 177 8.82 4.93 10.91
N GLU A 178 8.76 6.09 11.56
CA GLU A 178 8.80 7.36 10.83
C GLU A 178 10.19 7.62 10.24
N ILE A 179 11.19 6.91 10.75
CA ILE A 179 12.53 6.97 10.17
C ILE A 179 12.63 6.00 9.00
N THR A 180 12.27 4.74 9.26
CA THR A 180 12.36 3.71 8.23
C THR A 180 11.54 4.03 6.99
N LEU A 181 10.39 4.68 7.19
CA LEU A 181 9.45 4.94 6.10
C LEU A 181 9.51 6.37 5.57
N HIS A 182 10.52 7.12 5.99
CA HIS A 182 10.61 8.56 5.69
C HIS A 182 10.58 8.87 4.19
N GLU A 183 11.14 7.98 3.38
CA GLU A 183 11.22 8.22 1.93
C GLU A 183 10.13 7.52 1.12
N VAL A 184 9.20 6.85 1.80
CA VAL A 184 8.16 6.12 1.09
C VAL A 184 7.14 7.07 0.47
N PRO A 185 6.79 6.84 -0.81
CA PRO A 185 5.80 7.71 -1.46
C PRO A 185 4.42 7.52 -0.87
N VAL A 186 3.51 8.43 -1.24
CA VAL A 186 2.08 8.30 -1.03
C VAL A 186 1.62 8.56 0.43
N LEU A 187 2.36 8.07 1.42
CA LEU A 187 1.88 8.11 2.80
C LEU A 187 1.57 9.52 3.30
N SER A 188 2.48 10.47 3.08
CA SER A 188 2.27 11.84 3.55
C SER A 188 0.99 12.44 2.95
N GLY A 189 0.80 12.24 1.66
CA GLY A 189 -0.38 12.75 0.97
C GLY A 189 -1.68 12.15 1.49
N LEU A 190 -1.59 10.91 1.96
CA LEU A 190 -2.74 10.22 2.52
C LEU A 190 -3.07 10.68 3.94
N GLY A 191 -2.21 11.49 4.53
CA GLY A 191 -2.46 12.04 5.86
C GLY A 191 -1.65 11.43 7.00
N LEU A 192 -0.60 10.70 6.66
CA LEU A 192 0.26 10.11 7.68
C LEU A 192 1.71 10.29 7.26
N THR A 193 2.20 11.51 7.45
CA THR A 193 3.57 11.84 7.10
C THR A 193 4.56 11.15 8.03
N MET A 194 5.49 10.42 7.44
CA MET A 194 6.61 9.82 8.14
C MET A 194 7.74 10.85 8.17
N THR A 195 7.89 11.51 9.32
CA THR A 195 8.64 12.76 9.35
C THR A 195 10.17 12.63 9.52
N GLY A 196 10.67 11.40 9.67
CA GLY A 196 12.10 11.18 9.66
C GLY A 196 12.80 11.69 10.90
N PRO A 197 14.13 11.82 10.85
CA PRO A 197 14.90 12.26 12.02
C PRO A 197 14.51 13.66 12.47
N ARG A 198 14.50 13.90 13.77
CA ARG A 198 14.23 15.24 14.29
C ARG A 198 15.42 16.14 14.02
N PRO A 199 15.19 17.26 13.31
CA PRO A 199 16.27 18.24 13.13
C PRO A 199 16.80 18.73 14.47
N GLY A 200 18.11 18.62 14.65
CA GLY A 200 18.72 19.05 15.90
C GLY A 200 18.65 18.02 17.01
N GLY A 201 18.06 16.86 16.75
CA GLY A 201 17.91 15.85 17.78
C GLY A 201 17.16 16.46 18.96
N PHE A 202 17.60 16.16 20.17
CA PHE A 202 17.00 16.76 21.36
C PHE A 202 17.82 17.96 21.86
N GLY A 203 18.85 18.34 21.10
CA GLY A 203 19.68 19.47 21.48
C GLY A 203 20.19 19.40 22.91
N ALA A 204 20.01 20.49 23.66
CA ALA A 204 20.49 20.56 25.04
C ALA A 204 19.79 19.55 25.96
N LEU A 205 18.66 19.00 25.52
CA LEU A 205 17.96 18.00 26.34
C LEU A 205 18.42 16.56 26.07
N ASP A 206 19.40 16.38 25.19
CA ASP A 206 19.87 15.06 24.79
C ASP A 206 20.20 14.18 26.01
N GLY A 207 20.91 14.76 26.97
CA GLY A 207 21.34 14.00 28.14
C GLY A 207 20.23 13.66 29.13
N ARG A 208 19.09 14.34 28.99
CA ARG A 208 17.97 14.15 29.92
C ARG A 208 16.74 13.54 29.27
N THR A 209 16.88 13.07 28.03
CA THR A 209 15.76 12.52 27.29
C THR A 209 15.97 11.01 27.11
N ASN A 210 14.99 10.25 27.56
CA ASN A 210 15.07 8.79 27.55
C ASN A 210 14.11 8.16 26.55
N GLU A 211 14.58 7.14 25.85
CA GLU A 211 13.77 6.37 24.91
C GLU A 211 13.59 4.95 25.42
N ILE A 212 12.33 4.53 25.57
CA ILE A 212 12.04 3.14 25.91
C ILE A 212 11.30 2.48 24.74
N CYS A 213 11.79 1.32 24.33
CA CYS A 213 11.22 0.62 23.18
C CYS A 213 11.43 -0.86 23.36
N ALA A 214 10.37 -1.66 23.16
CA ALA A 214 10.44 -3.09 23.31
C ALA A 214 10.74 -3.76 21.97
N GLN A 215 11.59 -4.79 22.01
CA GLN A 215 11.86 -5.60 20.83
C GLN A 215 10.56 -6.11 20.21
N GLY A 216 10.38 -5.89 18.91
CA GLY A 216 9.16 -6.32 18.24
C GLY A 216 8.10 -5.24 18.13
N ASP A 217 8.29 -4.13 18.82
CA ASP A 217 7.38 -2.99 18.67
C ASP A 217 7.76 -2.21 17.42
N LEU A 218 7.03 -2.44 16.33
CA LEU A 218 7.37 -1.90 15.03
C LEU A 218 7.14 -0.40 14.93
N ILE A 219 6.50 0.17 15.93
CA ILE A 219 6.35 1.62 16.00
C ILE A 219 7.70 2.28 16.22
N CYS A 220 8.47 1.75 17.16
CA CYS A 220 9.71 2.42 17.57
C CYS A 220 10.98 1.65 17.16
N ALA A 221 10.82 0.39 16.76
CA ALA A 221 11.92 -0.44 16.29
C ALA A 221 11.49 -1.21 15.05
N ALA A 222 11.70 -0.59 13.90
CA ALA A 222 11.14 -1.07 12.64
C ALA A 222 12.21 -1.31 11.60
N PRO A 223 12.81 -2.52 11.59
CA PRO A 223 13.78 -2.85 10.56
C PRO A 223 13.17 -2.73 9.16
N ALA A 224 13.95 -2.38 8.16
CA ALA A 224 13.43 -2.25 6.80
C ALA A 224 12.78 -3.54 6.32
N GLN A 225 13.29 -4.67 6.83
CA GLN A 225 12.80 -5.98 6.43
C GLN A 225 11.34 -6.20 6.84
N ALA A 226 10.87 -5.43 7.81
CA ALA A 226 9.49 -5.56 8.25
C ALA A 226 8.53 -5.18 7.14
N PHE A 227 9.03 -4.47 6.13
CA PHE A 227 8.19 -3.95 5.06
C PHE A 227 8.46 -4.66 3.72
N SER A 228 9.22 -5.75 3.77
CA SER A 228 9.37 -6.62 2.59
C SER A 228 8.02 -7.26 2.24
N PRO A 229 7.87 -7.72 0.99
CA PRO A 229 6.61 -8.36 0.58
C PRO A 229 6.18 -9.48 1.54
N ALA A 230 7.16 -10.28 1.98
CA ALA A 230 6.88 -11.41 2.86
C ALA A 230 6.29 -10.95 4.19
N ASN A 231 6.77 -9.81 4.67
CA ASN A 231 6.43 -9.36 6.02
C ASN A 231 5.36 -8.27 6.10
N LEU A 232 5.15 -7.56 4.99
CA LEU A 232 4.29 -6.37 5.01
C LEU A 232 2.88 -6.58 5.56
N PRO A 233 2.15 -7.63 5.12
CA PRO A 233 0.79 -7.72 5.66
C PRO A 233 0.78 -7.95 7.19
N THR A 234 1.71 -8.77 7.68
CA THR A 234 1.83 -9.01 9.12
C THR A 234 2.16 -7.71 9.83
N THR A 235 3.11 -6.97 9.27
CA THR A 235 3.53 -5.69 9.83
C THR A 235 2.37 -4.71 9.92
N LEU A 236 1.57 -4.61 8.86
CA LEU A 236 0.40 -3.73 8.87
C LEU A 236 -0.61 -4.14 9.94
N ASN A 237 -0.82 -5.44 10.11
CA ASN A 237 -1.71 -5.91 11.17
C ASN A 237 -1.20 -5.52 12.54
N THR A 238 0.10 -5.70 12.75
CA THR A 238 0.72 -5.33 14.01
C THR A 238 0.60 -3.83 14.28
N LEU A 239 0.88 -3.02 13.26
CA LEU A 239 0.83 -1.57 13.42
C LEU A 239 -0.59 -1.07 13.73
N ALA A 240 -1.56 -1.69 13.13
CA ALA A 240 -2.92 -1.30 13.32
C ALA A 240 -3.35 -1.58 14.74
N GLY A 241 -2.70 -2.55 15.32
CA GLY A 241 -2.97 -2.96 16.67
C GLY A 241 -3.64 -4.28 16.53
N PRO A 246 -0.26 -8.10 21.48
CA PRO A 246 0.77 -7.25 20.94
C PRO A 246 1.72 -6.57 21.90
N VAL A 247 2.95 -6.62 21.47
CA VAL A 247 4.05 -6.04 22.23
C VAL A 247 3.77 -4.58 22.62
N HIS A 248 3.22 -3.82 21.67
CA HIS A 248 3.00 -2.40 21.85
C HIS A 248 2.01 -2.08 22.97
N ALA A 249 1.21 -3.07 23.33
CA ALA A 249 0.13 -2.91 24.29
C ALA A 249 0.52 -3.39 25.68
N MET A 250 1.78 -3.78 25.84
CA MET A 250 2.20 -4.48 27.05
C MET A 250 3.26 -3.75 27.87
N TYR A 251 3.36 -2.43 27.73
CA TYR A 251 4.43 -1.70 28.41
C TYR A 251 4.21 -1.57 29.92
N ALA A 252 3.01 -1.95 30.40
CA ALA A 252 2.78 -2.00 31.84
C ALA A 252 3.20 -3.36 32.41
N THR A 253 3.68 -4.24 31.55
CA THR A 253 4.12 -5.57 31.95
C THR A 253 5.63 -5.71 31.68
N PRO A 254 6.28 -6.69 32.33
CA PRO A 254 7.70 -6.95 32.06
C PRO A 254 7.94 -7.92 30.89
N GLU A 255 6.86 -8.29 30.19
CA GLU A 255 6.94 -9.38 29.21
C GLU A 255 7.90 -9.14 28.05
N PHE A 256 7.89 -7.94 27.48
CA PHE A 256 8.68 -7.67 26.28
C PHE A 256 9.77 -6.64 26.51
N TRP A 257 9.60 -5.85 27.57
CA TRP A 257 10.64 -4.93 28.01
C TRP A 257 10.62 -4.84 29.53
N ASN A 258 11.78 -5.03 30.12
CA ASN A 258 11.94 -4.70 31.53
C ASN A 258 13.38 -4.36 31.83
N SER A 259 13.57 -3.63 32.91
CA SER A 259 14.88 -3.31 33.43
C SER A 259 14.95 -3.91 34.82
N ASP A 260 15.66 -5.04 34.91
CA ASP A 260 15.78 -5.82 36.15
C ASP A 260 14.42 -6.21 36.69
N GLY A 261 13.51 -6.50 35.76
CA GLY A 261 12.16 -6.93 36.11
C GLY A 261 11.12 -5.83 36.05
N GLU A 262 11.59 -4.59 36.05
CA GLU A 262 10.72 -3.42 36.16
C GLU A 262 10.13 -3.07 34.80
N PRO A 263 8.78 -3.01 34.68
CA PRO A 263 8.18 -2.66 33.39
C PRO A 263 8.42 -1.19 33.07
N ALA A 264 8.16 -0.80 31.83
CA ALA A 264 8.40 0.59 31.43
C ALA A 264 7.64 1.62 32.27
N THR A 265 6.39 1.31 32.63
CA THR A 265 5.62 2.24 33.45
C THR A 265 6.26 2.43 34.83
N GLU A 266 6.75 1.35 35.41
CA GLU A 266 7.40 1.43 36.72
C GLU A 266 8.74 2.14 36.66
N TRP A 267 9.51 1.87 35.61
CA TRP A 267 10.77 2.58 35.40
C TRP A 267 10.51 4.07 35.34
N THR A 268 9.48 4.45 34.58
CA THR A 268 9.18 5.85 34.36
C THR A 268 8.66 6.50 35.63
N LEU A 269 7.83 5.78 36.38
CA LEU A 269 7.34 6.29 37.66
C LEU A 269 8.48 6.55 38.62
N ASN A 270 9.41 5.61 38.73
CA ASN A 270 10.54 5.79 39.65
C ASN A 270 11.44 6.91 39.20
N TRP A 271 11.65 7.00 37.90
CA TRP A 271 12.48 8.04 37.31
C TRP A 271 11.88 9.41 37.60
N ALA A 272 10.57 9.55 37.38
CA ALA A 272 9.89 10.82 37.62
C ALA A 272 9.88 11.20 39.10
N HIS A 273 9.65 10.21 39.96
CA HIS A 273 9.66 10.45 41.40
C HIS A 273 10.98 11.08 41.85
N GLN A 274 12.09 10.55 41.35
CA GLN A 274 13.39 11.04 41.76
C GLN A 274 13.65 12.46 41.19
N LEU A 275 13.21 12.72 39.95
CA LEU A 275 13.32 14.07 39.40
C LEU A 275 12.55 15.10 40.22
N ILE A 276 11.35 14.73 40.66
CA ILE A 276 10.49 15.66 41.41
C ILE A 276 11.07 15.88 42.80
N GLU A 277 11.54 14.80 43.42
CA GLU A 277 12.20 14.88 44.72
C GLU A 277 13.34 15.91 44.74
N ASN A 278 14.17 15.87 43.70
CA ASN A 278 15.35 16.73 43.62
C ASN A 278 15.08 18.06 42.92
N ALA A 279 13.83 18.29 42.55
CA ALA A 279 13.49 19.51 41.83
C ALA A 279 13.73 20.75 42.69
N PRO A 280 14.02 21.89 42.04
CA PRO A 280 14.19 23.14 42.76
C PRO A 280 12.98 23.49 43.62
N HIS A 281 13.23 24.20 44.72
CA HIS A 281 12.18 24.87 45.47
C HIS A 281 12.25 26.37 45.16
N PRO A 282 11.42 26.84 44.21
CA PRO A 282 11.50 28.20 43.66
C PRO A 282 11.34 29.28 44.72
N LEU B 14 6.62 -22.53 -47.62
CA LEU B 14 6.09 -23.27 -46.48
C LEU B 14 4.87 -24.11 -46.85
N PHE B 15 4.68 -25.20 -46.12
CA PHE B 15 3.51 -26.06 -46.33
C PHE B 15 2.83 -26.32 -45.00
N GLN B 16 1.54 -26.61 -45.02
CA GLN B 16 0.83 -26.94 -43.78
C GLN B 16 1.31 -28.27 -43.22
N GLY B 17 1.15 -28.44 -41.90
CA GLY B 17 1.47 -29.70 -41.22
C GLY B 17 0.36 -30.70 -41.48
N PRO B 18 0.25 -31.74 -40.62
CA PRO B 18 -0.77 -32.78 -40.78
C PRO B 18 -2.19 -32.21 -40.98
N ALA B 19 -3.05 -32.95 -41.67
CA ALA B 19 -4.40 -32.49 -42.00
C ALA B 19 -5.23 -32.10 -40.78
N SER B 20 -4.93 -32.70 -39.63
CA SER B 20 -5.64 -32.38 -38.40
C SER B 20 -5.23 -31.01 -37.82
N CYS B 21 -4.21 -30.40 -38.43
CA CYS B 21 -3.87 -29.03 -38.10
C CYS B 21 -5.10 -28.15 -38.32
N PRO B 22 -5.48 -27.36 -37.31
CA PRO B 22 -6.59 -26.45 -37.53
C PRO B 22 -6.15 -25.30 -38.42
N ASP B 23 -7.03 -24.83 -39.30
CA ASP B 23 -6.69 -23.67 -40.15
C ASP B 23 -6.29 -22.47 -39.32
N VAL B 24 -6.98 -22.28 -38.19
CA VAL B 24 -6.76 -21.15 -37.30
C VAL B 24 -6.66 -21.64 -35.87
N GLN B 25 -5.71 -21.10 -35.12
CA GLN B 25 -5.76 -21.26 -33.67
C GLN B 25 -6.13 -19.93 -33.04
N MET B 26 -7.23 -19.93 -32.29
CA MET B 26 -7.65 -18.74 -31.56
C MET B 26 -7.19 -18.89 -30.13
N ILE B 27 -6.21 -18.07 -29.76
CA ILE B 27 -5.62 -18.15 -28.42
C ILE B 27 -6.24 -17.08 -27.55
N SER B 28 -6.74 -17.50 -26.39
CA SER B 28 -7.43 -16.63 -25.47
C SER B 28 -6.67 -16.61 -24.15
N VAL B 29 -6.29 -15.42 -23.70
CA VAL B 29 -5.55 -15.31 -22.44
C VAL B 29 -6.43 -14.67 -21.37
N PRO B 30 -6.93 -15.48 -20.43
CA PRO B 30 -7.89 -14.98 -19.44
C PRO B 30 -7.30 -13.94 -18.50
N GLY B 31 -8.18 -13.24 -17.78
CA GLY B 31 -7.74 -12.30 -16.77
C GLY B 31 -7.39 -12.96 -15.47
N THR B 32 -6.99 -12.14 -14.50
CA THR B 32 -6.69 -12.63 -13.16
C THR B 32 -7.92 -13.37 -12.61
N TRP B 33 -7.67 -14.51 -11.96
CA TRP B 33 -8.70 -15.34 -11.35
C TRP B 33 -9.64 -15.97 -12.39
N GLU B 34 -9.15 -16.12 -13.62
CA GLU B 34 -9.90 -16.76 -14.70
C GLU B 34 -9.13 -17.88 -15.39
N SER B 35 -8.01 -18.30 -14.79
CA SER B 35 -7.29 -19.45 -15.31
C SER B 35 -6.53 -20.16 -14.20
N SER B 36 -6.05 -21.37 -14.50
CA SER B 36 -5.12 -22.06 -13.59
C SER B 36 -4.18 -22.90 -14.45
N PRO B 37 -3.04 -23.32 -13.88
CA PRO B 37 -2.16 -24.16 -14.69
C PRO B 37 -2.75 -25.55 -14.92
N GLN B 38 -3.83 -25.87 -14.21
CA GLN B 38 -4.44 -27.19 -14.29
C GLN B 38 -5.63 -27.25 -15.24
N GLN B 39 -6.04 -26.10 -15.77
CA GLN B 39 -7.17 -26.07 -16.70
C GLN B 39 -6.73 -26.48 -18.11
N ASN B 40 -7.45 -27.42 -18.70
CA ASN B 40 -7.17 -27.85 -20.08
C ASN B 40 -7.45 -26.71 -21.04
N PRO B 41 -6.44 -26.26 -21.79
CA PRO B 41 -6.65 -25.15 -22.74
C PRO B 41 -7.72 -25.45 -23.79
N LEU B 42 -7.93 -26.73 -24.09
CA LEU B 42 -8.91 -27.13 -25.08
C LEU B 42 -10.30 -27.32 -24.46
N ASN B 43 -10.35 -27.28 -23.14
CA ASN B 43 -11.61 -27.49 -22.43
C ASN B 43 -11.67 -26.66 -21.15
N PRO B 44 -11.77 -25.33 -21.30
CA PRO B 44 -11.64 -24.43 -20.14
C PRO B 44 -12.90 -24.35 -19.27
N VAL B 45 -13.10 -25.36 -18.44
CA VAL B 45 -14.32 -25.47 -17.64
C VAL B 45 -14.16 -24.97 -16.21
N GLN B 46 -12.94 -24.61 -15.82
CA GLN B 46 -12.66 -24.33 -14.41
C GLN B 46 -13.23 -23.01 -13.93
N PHE B 47 -13.36 -22.03 -14.83
CA PHE B 47 -13.85 -20.71 -14.45
C PHE B 47 -15.03 -20.30 -15.32
N PRO B 48 -16.20 -20.81 -14.97
CA PRO B 48 -17.37 -20.66 -15.85
C PRO B 48 -17.81 -19.21 -16.03
N LYS B 49 -17.39 -18.33 -15.13
CA LYS B 49 -17.74 -16.91 -15.24
C LYS B 49 -16.73 -16.08 -16.03
N ALA B 50 -15.67 -16.72 -16.52
CA ALA B 50 -14.58 -15.99 -17.16
C ALA B 50 -15.07 -15.25 -18.39
N LEU B 51 -14.64 -14.00 -18.52
CA LEU B 51 -15.15 -13.13 -19.59
C LEU B 51 -14.99 -13.71 -20.98
N LEU B 52 -13.78 -14.18 -21.32
CA LEU B 52 -13.52 -14.53 -22.71
C LEU B 52 -14.17 -15.84 -23.16
N LEU B 53 -14.77 -16.60 -22.23
CA LEU B 53 -15.60 -17.74 -22.62
C LEU B 53 -16.78 -17.29 -23.48
N LYS B 54 -17.19 -16.03 -23.32
CA LYS B 54 -18.29 -15.50 -24.11
C LYS B 54 -17.85 -15.24 -25.56
N VAL B 55 -16.56 -15.41 -25.82
CA VAL B 55 -16.03 -15.32 -27.17
C VAL B 55 -15.63 -16.70 -27.68
N THR B 56 -14.79 -17.42 -26.93
CA THR B 56 -14.31 -18.72 -27.39
C THR B 56 -15.40 -19.79 -27.42
N GLY B 57 -16.38 -19.67 -26.53
CA GLY B 57 -17.46 -20.65 -26.46
C GLY B 57 -18.29 -20.63 -27.73
N PRO B 58 -18.82 -19.45 -28.09
CA PRO B 58 -19.59 -19.33 -29.33
C PRO B 58 -18.77 -19.62 -30.59
N ILE B 59 -17.48 -19.28 -30.60
CA ILE B 59 -16.67 -19.56 -31.76
C ILE B 59 -16.62 -21.07 -32.01
N ALA B 60 -16.47 -21.83 -30.93
CA ALA B 60 -16.38 -23.28 -31.01
C ALA B 60 -17.71 -23.89 -31.47
N GLN B 61 -18.80 -23.16 -31.29
CA GLN B 61 -20.13 -23.56 -31.77
C GLN B 61 -20.37 -23.15 -33.21
N GLN B 62 -19.63 -22.15 -33.67
CA GLN B 62 -19.87 -21.57 -34.98
C GLN B 62 -18.99 -22.22 -36.05
N PHE B 63 -17.93 -22.92 -35.62
CA PHE B 63 -16.98 -23.52 -36.56
C PHE B 63 -16.54 -24.92 -36.12
N ALA B 64 -16.29 -25.77 -37.11
CA ALA B 64 -15.74 -27.10 -36.87
C ALA B 64 -14.32 -26.96 -36.34
N PRO B 65 -13.88 -27.92 -35.50
CA PRO B 65 -12.53 -27.92 -34.95
C PRO B 65 -11.44 -27.87 -36.02
N ALA B 66 -11.75 -28.40 -37.20
CA ALA B 66 -10.80 -28.42 -38.29
C ALA B 66 -10.53 -27.00 -38.80
N ARG B 67 -11.52 -26.13 -38.62
CA ARG B 67 -11.42 -24.75 -39.09
C ARG B 67 -10.72 -23.87 -38.06
N VAL B 68 -11.13 -24.01 -36.79
CA VAL B 68 -10.50 -23.23 -35.73
C VAL B 68 -10.44 -24.01 -34.43
N GLN B 69 -9.28 -23.96 -33.78
CA GLN B 69 -9.10 -24.53 -32.46
C GLN B 69 -9.11 -23.38 -31.46
N THR B 70 -10.00 -23.44 -30.47
CA THR B 70 -9.96 -22.44 -29.41
C THR B 70 -9.01 -22.95 -28.34
N TYR B 71 -8.11 -22.08 -27.89
CA TYR B 71 -7.08 -22.46 -26.94
C TYR B 71 -7.03 -21.42 -25.85
N THR B 72 -7.37 -21.80 -24.63
CA THR B 72 -7.40 -20.85 -23.52
C THR B 72 -6.18 -21.06 -22.63
N VAL B 73 -5.32 -20.05 -22.53
CA VAL B 73 -4.02 -20.22 -21.86
C VAL B 73 -4.20 -20.61 -20.39
N ALA B 74 -3.51 -21.67 -19.99
CA ALA B 74 -3.53 -22.15 -18.61
C ALA B 74 -2.37 -21.52 -17.84
N TYR B 75 -2.67 -20.68 -16.87
CA TYR B 75 -1.63 -20.10 -16.05
C TYR B 75 -2.19 -19.68 -14.71
N THR B 76 -1.31 -19.34 -13.79
CA THR B 76 -1.72 -19.10 -12.41
C THR B 76 -2.75 -17.97 -12.28
N ALA B 77 -2.57 -16.91 -13.05
CA ALA B 77 -3.56 -15.84 -13.15
C ALA B 77 -3.93 -15.31 -11.77
N GLN B 78 -2.94 -14.78 -11.06
CA GLN B 78 -3.15 -14.22 -9.73
C GLN B 78 -2.48 -12.85 -9.63
N PHE B 79 -2.79 -12.12 -8.57
CA PHE B 79 -2.25 -10.78 -8.38
C PHE B 79 -2.22 -10.49 -6.89
N HIS B 80 -1.10 -10.79 -6.25
CA HIS B 80 -0.95 -10.54 -4.82
C HIS B 80 -1.12 -9.05 -4.53
N ASN B 81 -1.99 -8.75 -3.56
CA ASN B 81 -2.08 -7.42 -3.00
C ASN B 81 -1.07 -7.35 -1.85
N PRO B 82 -0.03 -6.50 -1.99
CA PRO B 82 1.06 -6.48 -1.02
C PRO B 82 0.61 -6.10 0.39
N LEU B 83 -0.55 -5.46 0.51
CA LEU B 83 -1.05 -5.00 1.79
C LEU B 83 -1.78 -6.09 2.58
N THR B 84 -2.06 -7.23 1.94
CA THR B 84 -2.92 -8.24 2.54
C THR B 84 -2.33 -9.63 2.49
N THR B 85 -2.75 -10.50 3.41
CA THR B 85 -2.42 -11.91 3.31
C THR B 85 -3.46 -12.59 2.42
N ASP B 86 -3.09 -12.88 1.17
CA ASP B 86 -4.05 -13.50 0.27
C ASP B 86 -3.49 -14.77 -0.36
N ASN B 87 -2.25 -15.10 -0.02
CA ASN B 87 -1.57 -16.31 -0.50
C ASN B 87 -1.53 -16.43 -2.02
N GLN B 88 -1.57 -15.29 -2.69
CA GLN B 88 -1.48 -15.22 -4.15
C GLN B 88 -0.06 -15.04 -4.67
N MET B 89 0.19 -15.57 -5.86
CA MET B 89 1.41 -15.28 -6.62
C MET B 89 1.50 -13.79 -6.94
N SER B 90 2.71 -13.26 -7.01
CA SER B 90 2.89 -11.86 -7.38
C SER B 90 2.41 -11.64 -8.80
N TYR B 91 2.01 -10.42 -9.12
CA TYR B 91 1.70 -10.07 -10.49
C TYR B 91 2.90 -10.37 -11.39
N ASN B 92 4.10 -10.01 -10.95
CA ASN B 92 5.27 -10.27 -11.78
C ASN B 92 5.41 -11.73 -12.16
N ASP B 93 5.27 -12.62 -11.19
CA ASP B 93 5.46 -14.04 -11.46
C ASP B 93 4.30 -14.62 -12.26
N SER B 94 3.09 -14.17 -11.95
CA SER B 94 1.91 -14.68 -12.67
C SER B 94 1.96 -14.27 -14.13
N ARG B 95 2.29 -12.99 -14.34
CA ARG B 95 2.39 -12.45 -15.68
C ARG B 95 3.50 -13.16 -16.47
N ALA B 96 4.63 -13.41 -15.82
CA ALA B 96 5.74 -14.07 -16.50
C ALA B 96 5.31 -15.48 -16.89
N GLU B 97 4.57 -16.15 -16.01
CA GLU B 97 4.12 -17.50 -16.27
C GLU B 97 3.14 -17.55 -17.45
N GLY B 98 2.19 -16.62 -17.48
CA GLY B 98 1.20 -16.59 -18.55
C GLY B 98 1.85 -16.27 -19.88
N THR B 99 2.88 -15.43 -19.85
CA THR B 99 3.57 -15.06 -21.07
C THR B 99 4.31 -16.28 -21.61
N ARG B 100 4.98 -16.99 -20.71
CA ARG B 100 5.71 -18.21 -21.04
C ARG B 100 4.75 -19.24 -21.66
N ALA B 101 3.58 -19.40 -21.04
CA ALA B 101 2.59 -20.38 -21.50
C ALA B 101 2.02 -20.02 -22.87
N MET B 102 1.80 -18.74 -23.11
CA MET B 102 1.24 -18.31 -24.39
C MET B 102 2.26 -18.52 -25.48
N VAL B 103 3.51 -18.16 -25.21
CA VAL B 103 4.58 -18.33 -26.18
C VAL B 103 4.74 -19.82 -26.52
N ALA B 104 4.70 -20.66 -25.49
CA ALA B 104 4.88 -22.10 -25.71
C ALA B 104 3.75 -22.68 -26.55
N ALA B 105 2.53 -22.18 -26.35
CA ALA B 105 1.38 -22.62 -27.13
C ALA B 105 1.55 -22.30 -28.61
N MET B 106 1.96 -21.06 -28.90
CA MET B 106 2.15 -20.65 -30.28
C MET B 106 3.32 -21.40 -30.93
N THR B 107 4.38 -21.61 -30.14
CA THR B 107 5.56 -22.28 -30.65
C THR B 107 5.22 -23.72 -31.01
N ASP B 108 4.49 -24.38 -30.12
CA ASP B 108 4.08 -25.76 -30.34
C ASP B 108 3.18 -25.87 -31.58
N MET B 109 2.19 -24.98 -31.69
CA MET B 109 1.30 -25.02 -32.83
C MET B 109 2.08 -24.78 -34.12
N ASN B 110 2.97 -23.80 -34.10
CA ASN B 110 3.68 -23.40 -35.31
C ASN B 110 4.68 -24.46 -35.71
N ASN B 111 5.25 -25.15 -34.73
CA ASN B 111 6.15 -26.25 -35.04
C ASN B 111 5.43 -27.40 -35.75
N ARG B 112 4.25 -27.75 -35.24
CA ARG B 112 3.45 -28.84 -35.80
C ARG B 112 2.75 -28.43 -37.09
N CYS B 113 2.28 -27.19 -37.12
CA CYS B 113 1.37 -26.73 -38.16
C CYS B 113 1.81 -25.36 -38.67
N PRO B 114 2.85 -25.32 -39.51
CA PRO B 114 3.52 -24.09 -39.97
C PRO B 114 2.65 -23.06 -40.71
N LEU B 115 1.48 -23.45 -41.23
CA LEU B 115 0.65 -22.49 -41.95
C LEU B 115 -0.67 -22.22 -41.23
N THR B 116 -0.81 -22.73 -40.02
CA THR B 116 -1.94 -22.34 -39.18
C THR B 116 -1.81 -20.86 -38.85
N SER B 117 -2.92 -20.11 -38.95
CA SER B 117 -2.94 -18.69 -38.60
C SER B 117 -3.53 -18.50 -37.22
N TYR B 118 -3.42 -17.28 -36.68
CA TYR B 118 -3.76 -17.04 -35.28
C TYR B 118 -4.67 -15.86 -35.11
N VAL B 119 -5.63 -16.02 -34.20
CA VAL B 119 -6.41 -14.92 -33.66
C VAL B 119 -6.07 -14.84 -32.18
N LEU B 120 -5.60 -13.70 -31.72
CA LEU B 120 -5.20 -13.55 -30.31
C LEU B 120 -6.14 -12.64 -29.55
N ILE B 121 -6.65 -13.10 -28.42
CA ILE B 121 -7.44 -12.21 -27.56
C ILE B 121 -7.00 -12.33 -26.12
N GLY B 122 -7.18 -11.25 -25.37
CA GLY B 122 -6.81 -11.27 -23.96
C GLY B 122 -7.61 -10.26 -23.16
N PHE B 123 -7.74 -10.54 -21.86
CA PHE B 123 -8.48 -9.68 -20.95
C PHE B 123 -7.64 -9.37 -19.73
N SER B 124 -7.53 -8.08 -19.40
CA SER B 124 -6.89 -7.62 -18.16
C SER B 124 -5.43 -8.10 -18.09
N GLN B 125 -5.08 -8.89 -17.07
CA GLN B 125 -3.72 -9.44 -17.00
C GLN B 125 -3.41 -10.22 -18.29
N GLY B 126 -4.41 -10.91 -18.83
CA GLY B 126 -4.24 -11.62 -20.10
C GLY B 126 -4.10 -10.70 -21.30
N ALA B 127 -4.65 -9.49 -21.21
CA ALA B 127 -4.48 -8.49 -22.26
C ALA B 127 -3.05 -7.96 -22.24
N VAL B 128 -2.51 -7.79 -21.04
CA VAL B 128 -1.11 -7.36 -20.92
C VAL B 128 -0.22 -8.41 -21.57
N ILE B 129 -0.48 -9.66 -21.23
CA ILE B 129 0.28 -10.79 -21.76
C ILE B 129 0.14 -10.89 -23.28
N ALA B 130 -1.08 -10.86 -23.79
CA ALA B 130 -1.28 -11.04 -25.23
C ALA B 130 -0.70 -9.86 -26.00
N GLY B 131 -0.82 -8.67 -25.44
CA GLY B 131 -0.27 -7.47 -26.05
C GLY B 131 1.26 -7.52 -26.09
N ASP B 132 1.85 -8.05 -25.03
CA ASP B 132 3.31 -8.21 -24.97
C ASP B 132 3.80 -9.17 -26.06
N VAL B 133 3.11 -10.28 -26.23
CA VAL B 133 3.48 -11.26 -27.25
C VAL B 133 3.18 -10.71 -28.65
N ALA B 134 2.07 -9.97 -28.81
CA ALA B 134 1.77 -9.33 -30.10
C ALA B 134 2.86 -8.33 -30.47
N SER B 135 3.34 -7.58 -29.49
CA SER B 135 4.45 -6.65 -29.70
C SER B 135 5.70 -7.40 -30.19
N ASP B 136 6.03 -8.53 -29.57
CA ASP B 136 7.18 -9.31 -30.01
C ASP B 136 6.99 -9.79 -31.46
N ILE B 137 5.83 -10.34 -31.76
CA ILE B 137 5.55 -10.84 -33.10
C ILE B 137 5.62 -9.72 -34.14
N GLY B 138 5.01 -8.59 -33.83
CA GLY B 138 4.92 -7.49 -34.78
C GLY B 138 6.26 -6.85 -35.03
N ASN B 139 7.18 -7.01 -34.07
CA ASN B 139 8.51 -6.44 -34.21
C ASN B 139 9.54 -7.47 -34.65
N GLY B 140 9.05 -8.59 -35.15
CA GLY B 140 9.89 -9.61 -35.75
C GLY B 140 10.66 -10.44 -34.75
N ARG B 141 10.23 -10.45 -33.49
CA ARG B 141 10.95 -11.15 -32.43
C ARG B 141 10.40 -12.55 -32.15
N GLY B 142 9.40 -12.97 -32.91
CA GLY B 142 8.81 -14.29 -32.71
C GLY B 142 7.71 -14.23 -31.69
N PRO B 143 7.10 -15.39 -31.36
CA PRO B 143 7.50 -16.74 -31.75
C PRO B 143 7.06 -17.19 -33.13
N VAL B 144 6.21 -16.40 -33.78
CA VAL B 144 5.79 -16.72 -35.14
C VAL B 144 5.94 -15.46 -35.99
N ASP B 145 5.96 -15.63 -37.31
CA ASP B 145 6.03 -14.49 -38.23
C ASP B 145 4.72 -13.71 -38.19
N GLU B 146 4.81 -12.39 -38.32
CA GLU B 146 3.63 -11.54 -38.18
C GLU B 146 2.53 -11.86 -39.18
N ASP B 147 2.89 -12.38 -40.35
CA ASP B 147 1.88 -12.61 -41.37
C ASP B 147 0.90 -13.73 -40.96
N LEU B 148 1.28 -14.55 -39.98
CA LEU B 148 0.40 -15.63 -39.54
C LEU B 148 -0.65 -15.14 -38.55
N VAL B 149 -0.53 -13.91 -38.06
CA VAL B 149 -1.50 -13.42 -37.08
C VAL B 149 -2.59 -12.63 -37.81
N LEU B 150 -3.81 -13.12 -37.75
CA LEU B 150 -4.93 -12.49 -38.44
C LEU B 150 -5.38 -11.22 -37.73
N GLY B 151 -5.26 -11.22 -36.41
CA GLY B 151 -5.72 -10.09 -35.63
C GLY B 151 -5.54 -10.32 -34.14
N VAL B 152 -5.54 -9.21 -33.40
CA VAL B 152 -5.40 -9.21 -31.95
C VAL B 152 -6.44 -8.26 -31.34
N THR B 153 -7.14 -8.70 -30.32
CA THR B 153 -8.00 -7.78 -29.57
C THR B 153 -7.71 -7.92 -28.07
N LEU B 154 -7.49 -6.77 -27.44
CA LEU B 154 -7.12 -6.68 -26.05
C LEU B 154 -8.19 -5.91 -25.30
N ILE B 155 -8.82 -6.57 -24.34
CA ILE B 155 -9.81 -5.92 -23.49
C ILE B 155 -9.18 -5.61 -22.13
N ALA B 156 -9.21 -4.33 -21.75
CA ALA B 156 -8.66 -3.83 -20.47
C ALA B 156 -7.17 -4.10 -20.36
N ASP B 157 -6.43 -3.61 -21.34
CA ASP B 157 -4.98 -3.74 -21.39
C ASP B 157 -4.31 -2.77 -20.43
N GLY B 158 -3.58 -3.28 -19.45
CA GLY B 158 -2.90 -2.42 -18.49
C GLY B 158 -1.79 -1.57 -19.09
N ARG B 159 -1.34 -1.92 -20.29
CA ARG B 159 -0.35 -1.11 -21.02
C ARG B 159 -0.96 -0.34 -22.19
N ARG B 160 -2.27 -0.17 -22.18
CA ARG B 160 -2.96 0.60 -23.23
C ARG B 160 -2.37 1.99 -23.41
N GLN B 161 -2.10 2.35 -24.67
CA GLN B 161 -1.40 3.57 -25.00
C GLN B 161 -2.08 4.20 -26.22
N GLN B 162 -2.50 5.46 -26.09
CA GLN B 162 -3.06 6.17 -27.24
C GLN B 162 -2.01 6.24 -28.33
N GLY B 163 -2.42 5.88 -29.54
CA GLY B 163 -1.54 5.97 -30.68
C GLY B 163 -0.94 4.62 -31.02
N VAL B 164 -1.11 3.67 -30.12
CA VAL B 164 -0.58 2.33 -30.31
C VAL B 164 -1.70 1.32 -30.38
N GLY B 165 -1.87 0.74 -31.55
CA GLY B 165 -3.02 -0.11 -31.83
C GLY B 165 -4.26 0.72 -32.12
N ASN B 166 -5.29 0.06 -32.61
CA ASN B 166 -6.59 0.69 -32.82
C ASN B 166 -7.34 0.84 -31.50
N GLN B 167 -7.74 2.05 -31.11
CA GLN B 167 -8.64 2.21 -29.99
C GLN B 167 -10.07 2.11 -30.49
N VAL B 168 -10.77 1.03 -30.14
CA VAL B 168 -12.13 0.85 -30.66
C VAL B 168 -13.06 1.83 -29.97
N PRO B 169 -13.67 2.75 -30.74
CA PRO B 169 -14.51 3.78 -30.12
C PRO B 169 -15.73 3.14 -29.46
N PRO B 170 -16.18 3.70 -28.33
CA PRO B 170 -15.61 4.87 -27.66
C PRO B 170 -14.33 4.57 -26.89
N SER B 171 -13.35 5.45 -27.02
CA SER B 171 -12.07 5.28 -26.34
C SER B 171 -11.94 6.25 -25.16
N PRO B 172 -11.88 5.72 -23.93
CA PRO B 172 -11.78 6.57 -22.74
C PRO B 172 -10.46 7.33 -22.63
N ARG B 173 -10.52 8.44 -21.92
CA ARG B 173 -9.36 9.25 -21.63
C ARG B 173 -8.43 8.55 -20.65
N GLY B 174 -7.13 8.69 -20.85
CA GLY B 174 -6.14 8.12 -19.95
C GLY B 174 -5.45 6.89 -20.53
N GLU B 175 -4.24 6.64 -20.05
CA GLU B 175 -3.44 5.50 -20.47
C GLU B 175 -3.62 4.34 -19.48
N GLY B 176 -3.09 3.18 -19.84
CA GLY B 176 -3.14 2.03 -18.95
C GLY B 176 -2.41 2.31 -17.64
N ALA B 177 -2.81 1.63 -16.57
CA ALA B 177 -2.22 1.86 -15.26
C ALA B 177 -0.70 1.63 -15.29
N GLU B 178 -0.23 0.69 -16.09
CA GLU B 178 1.22 0.41 -16.14
C GLU B 178 1.97 1.53 -16.83
N ILE B 179 1.25 2.37 -17.57
CA ILE B 179 1.85 3.56 -18.16
C ILE B 179 1.89 4.70 -17.15
N THR B 180 0.72 4.99 -16.59
CA THR B 180 0.55 6.05 -15.61
C THR B 180 1.47 5.86 -14.39
N LEU B 181 1.65 4.62 -13.96
CA LEU B 181 2.45 4.31 -12.77
C LEU B 181 3.89 3.84 -13.07
N HIS B 182 4.32 3.96 -14.32
CA HIS B 182 5.64 3.46 -14.75
C HIS B 182 6.80 3.98 -13.89
N GLU B 183 6.71 5.23 -13.44
CA GLU B 183 7.83 5.84 -12.71
C GLU B 183 7.71 5.75 -11.19
N VAL B 184 6.71 5.02 -10.70
CA VAL B 184 6.46 5.03 -9.26
C VAL B 184 7.39 4.08 -8.52
N PRO B 185 8.06 4.59 -7.48
CA PRO B 185 8.93 3.74 -6.67
C PRO B 185 8.12 2.69 -5.91
N VAL B 186 8.83 1.70 -5.37
CA VAL B 186 8.29 0.72 -4.44
C VAL B 186 7.46 -0.39 -5.09
N LEU B 187 6.65 -0.05 -6.10
CA LEU B 187 5.76 -1.06 -6.68
C LEU B 187 6.49 -2.27 -7.26
N SER B 188 7.55 -2.01 -8.01
CA SER B 188 8.29 -3.10 -8.64
C SER B 188 8.92 -4.01 -7.58
N GLY B 189 9.45 -3.41 -6.51
CA GLY B 189 10.03 -4.16 -5.41
C GLY B 189 9.01 -4.98 -4.62
N LEU B 190 7.75 -4.59 -4.69
CA LEU B 190 6.69 -5.31 -3.99
C LEU B 190 6.08 -6.41 -4.86
N GLY B 191 6.57 -6.53 -6.09
CA GLY B 191 6.21 -7.65 -6.94
C GLY B 191 5.25 -7.29 -8.06
N LEU B 192 5.03 -6.00 -8.27
CA LEU B 192 4.12 -5.58 -9.34
C LEU B 192 4.73 -4.43 -10.13
N THR B 193 5.62 -4.80 -11.05
CA THR B 193 6.32 -3.85 -11.89
C THR B 193 5.39 -3.23 -12.91
N MET B 194 5.33 -1.91 -12.92
CA MET B 194 4.56 -1.17 -13.90
C MET B 194 5.46 -0.92 -15.10
N THR B 195 5.23 -1.64 -16.19
CA THR B 195 6.28 -1.76 -17.21
C THR B 195 6.26 -0.70 -18.32
N GLY B 196 5.32 0.22 -18.26
CA GLY B 196 5.33 1.36 -19.17
C GLY B 196 5.05 0.98 -20.60
N PRO B 197 5.34 1.89 -21.54
CA PRO B 197 5.05 1.67 -22.95
C PRO B 197 5.76 0.48 -23.53
N ARG B 198 5.09 -0.30 -24.37
CA ARG B 198 5.73 -1.43 -25.02
C ARG B 198 6.77 -0.95 -26.03
N PRO B 199 8.00 -1.45 -25.90
CA PRO B 199 9.03 -1.14 -26.91
C PRO B 199 8.59 -1.59 -28.30
N GLY B 200 8.62 -0.67 -29.27
CA GLY B 200 8.22 -0.99 -30.62
C GLY B 200 6.72 -1.07 -30.84
N GLY B 201 5.95 -0.78 -29.80
CA GLY B 201 4.49 -0.89 -29.88
C GLY B 201 4.12 -2.26 -30.41
N PHE B 202 3.17 -2.31 -31.33
CA PHE B 202 2.79 -3.59 -31.91
C PHE B 202 3.45 -3.87 -33.27
N GLY B 203 4.36 -3.00 -33.70
CA GLY B 203 5.07 -3.22 -34.94
C GLY B 203 4.15 -3.43 -36.14
N ALA B 204 4.43 -4.47 -36.91
CA ALA B 204 3.67 -4.78 -38.10
C ALA B 204 2.23 -5.18 -37.76
N LEU B 205 1.97 -5.49 -36.49
CA LEU B 205 0.61 -5.89 -36.11
C LEU B 205 -0.26 -4.69 -35.69
N ASP B 206 0.34 -3.51 -35.66
CA ASP B 206 -0.35 -2.33 -35.16
C ASP B 206 -1.73 -2.10 -35.77
N GLY B 207 -1.82 -2.25 -37.08
CA GLY B 207 -3.06 -1.99 -37.79
C GLY B 207 -4.16 -3.01 -37.51
N ARG B 208 -3.80 -4.18 -37.00
CA ARG B 208 -4.85 -5.14 -36.69
C ARG B 208 -4.81 -5.58 -35.25
N THR B 209 -4.27 -4.73 -34.39
CA THR B 209 -4.39 -4.91 -32.96
C THR B 209 -5.38 -3.90 -32.43
N ASN B 210 -6.40 -4.39 -31.73
CA ASN B 210 -7.49 -3.55 -31.24
C ASN B 210 -7.50 -3.47 -29.72
N GLU B 211 -7.69 -2.26 -29.22
CA GLU B 211 -7.78 -2.01 -27.80
C GLU B 211 -9.20 -1.64 -27.41
N ILE B 212 -9.80 -2.37 -26.48
CA ILE B 212 -11.13 -2.03 -25.95
C ILE B 212 -11.00 -1.71 -24.47
N CYS B 213 -11.52 -0.55 -24.07
CA CYS B 213 -11.44 -0.10 -22.69
C CYS B 213 -12.68 0.72 -22.35
N ALA B 214 -13.26 0.49 -21.18
CA ALA B 214 -14.42 1.24 -20.74
C ALA B 214 -14.03 2.39 -19.83
N GLN B 215 -14.71 3.53 -19.99
CA GLN B 215 -14.57 4.64 -19.06
C GLN B 215 -14.80 4.20 -17.61
N GLY B 216 -13.85 4.52 -16.73
CA GLY B 216 -13.95 4.12 -15.34
C GLY B 216 -13.16 2.87 -14.99
N ASP B 217 -12.69 2.15 -16.01
CA ASP B 217 -11.84 0.99 -15.77
C ASP B 217 -10.41 1.46 -15.59
N LEU B 218 -9.98 1.54 -14.34
CA LEU B 218 -8.68 2.13 -14.02
C LEU B 218 -7.48 1.24 -14.38
N ILE B 219 -7.74 0.01 -14.79
CA ILE B 219 -6.68 -0.84 -15.34
C ILE B 219 -6.18 -0.32 -16.69
N CYS B 220 -7.10 0.09 -17.56
CA CYS B 220 -6.72 0.45 -18.92
C CYS B 220 -6.89 1.93 -19.23
N ALA B 221 -7.67 2.63 -18.39
CA ALA B 221 -7.89 4.06 -18.54
C ALA B 221 -7.68 4.73 -17.20
N ALA B 222 -6.43 5.08 -16.91
CA ALA B 222 -6.06 5.54 -15.59
C ALA B 222 -5.44 6.92 -15.67
N PRO B 223 -6.29 7.96 -15.68
CA PRO B 223 -5.75 9.32 -15.61
C PRO B 223 -4.91 9.49 -14.35
N ALA B 224 -3.90 10.35 -14.41
CA ALA B 224 -3.04 10.58 -13.24
C ALA B 224 -3.84 10.95 -11.99
N GLN B 225 -4.93 11.71 -12.19
CA GLN B 225 -5.80 12.11 -11.09
C GLN B 225 -6.37 10.96 -10.26
N ALA B 226 -6.50 9.78 -10.83
CA ALA B 226 -7.07 8.65 -10.11
C ALA B 226 -6.17 8.23 -8.96
N PHE B 227 -4.92 8.62 -9.06
CA PHE B 227 -3.93 8.28 -8.07
C PHE B 227 -3.55 9.42 -7.12
N SER B 228 -4.27 10.52 -7.17
CA SER B 228 -4.01 11.61 -6.25
C SER B 228 -4.50 11.16 -4.89
N PRO B 229 -3.95 11.77 -3.85
CA PRO B 229 -4.27 11.41 -2.46
C PRO B 229 -5.78 11.31 -2.20
N ALA B 230 -6.54 12.27 -2.73
CA ALA B 230 -7.99 12.29 -2.54
C ALA B 230 -8.68 11.10 -3.19
N ASN B 231 -8.16 10.64 -4.32
CA ASN B 231 -8.80 9.57 -5.08
C ASN B 231 -8.23 8.18 -4.86
N LEU B 232 -7.05 8.11 -4.25
CA LEU B 232 -6.35 6.81 -4.17
C LEU B 232 -7.09 5.74 -3.36
N PRO B 233 -7.68 6.08 -2.20
CA PRO B 233 -8.36 4.99 -1.50
C PRO B 233 -9.52 4.38 -2.30
N THR B 234 -10.27 5.21 -3.01
CA THR B 234 -11.35 4.73 -3.88
C THR B 234 -10.78 3.89 -5.01
N THR B 235 -9.75 4.43 -5.64
CA THR B 235 -9.05 3.74 -6.73
C THR B 235 -8.56 2.35 -6.31
N LEU B 236 -7.95 2.25 -5.13
CA LEU B 236 -7.50 0.95 -4.60
C LEU B 236 -8.65 -0.04 -4.46
N ASN B 237 -9.78 0.43 -3.92
CA ASN B 237 -10.95 -0.44 -3.80
C ASN B 237 -11.42 -0.92 -5.16
N THR B 238 -11.45 0.00 -6.12
CA THR B 238 -11.86 -0.33 -7.47
C THR B 238 -10.96 -1.40 -8.09
N LEU B 239 -9.65 -1.22 -7.94
CA LEU B 239 -8.68 -2.17 -8.47
C LEU B 239 -8.74 -3.51 -7.75
N ALA B 240 -9.11 -3.47 -6.47
CA ALA B 240 -9.16 -4.68 -5.65
C ALA B 240 -10.47 -4.77 -4.86
N PRO B 246 -18.56 -3.10 -10.54
CA PRO B 246 -17.39 -2.41 -11.05
C PRO B 246 -17.26 -2.55 -12.57
N VAL B 247 -16.92 -1.44 -13.15
CA VAL B 247 -16.81 -1.34 -14.57
C VAL B 247 -16.00 -2.48 -15.20
N HIS B 248 -14.89 -2.79 -14.58
CA HIS B 248 -13.99 -3.80 -15.08
C HIS B 248 -14.63 -5.19 -15.21
N ALA B 249 -15.69 -5.44 -14.46
CA ALA B 249 -16.33 -6.75 -14.45
C ALA B 249 -17.52 -6.81 -15.40
N MET B 250 -17.75 -5.73 -16.13
CA MET B 250 -19.01 -5.58 -16.87
C MET B 250 -18.85 -5.60 -18.40
N TYR B 251 -17.76 -6.16 -18.90
CA TYR B 251 -17.51 -6.10 -20.35
C TYR B 251 -18.41 -7.00 -21.20
N ALA B 252 -19.20 -7.88 -20.57
CA ALA B 252 -20.19 -8.64 -21.31
C ALA B 252 -21.49 -7.85 -21.45
N THR B 253 -21.53 -6.67 -20.84
CA THR B 253 -22.70 -5.78 -20.90
C THR B 253 -22.36 -4.53 -21.69
N PRO B 254 -23.38 -3.84 -22.21
CA PRO B 254 -23.13 -2.59 -22.95
C PRO B 254 -23.12 -1.36 -22.06
N GLU B 255 -23.16 -1.54 -20.75
CA GLU B 255 -23.45 -0.42 -19.86
C GLU B 255 -22.33 0.64 -19.82
N PHE B 256 -21.08 0.21 -19.80
CA PHE B 256 -19.97 1.17 -19.70
C PHE B 256 -19.15 1.29 -20.97
N TRP B 257 -19.21 0.28 -21.82
CA TRP B 257 -18.64 0.34 -23.17
C TRP B 257 -19.56 -0.43 -24.12
N ASN B 258 -19.92 0.21 -25.23
CA ASN B 258 -20.49 -0.54 -26.34
C ASN B 258 -20.17 0.14 -27.66
N SER B 259 -20.22 -0.65 -28.72
CA SER B 259 -20.03 -0.15 -30.07
C SER B 259 -21.36 -0.28 -30.78
N ASP B 260 -22.07 0.83 -30.88
CA ASP B 260 -23.40 0.87 -31.48
C ASP B 260 -24.31 -0.18 -30.84
N GLY B 261 -24.16 -0.36 -29.52
CA GLY B 261 -24.97 -1.29 -28.76
C GLY B 261 -24.23 -2.55 -28.32
N GLU B 262 -23.27 -2.99 -29.14
CA GLU B 262 -22.59 -4.25 -28.87
C GLU B 262 -21.60 -4.16 -27.71
N PRO B 263 -21.75 -5.03 -26.70
CA PRO B 263 -20.74 -5.14 -25.65
C PRO B 263 -19.40 -5.62 -26.21
N ALA B 264 -18.33 -5.42 -25.44
CA ALA B 264 -16.98 -5.81 -25.85
C ALA B 264 -16.90 -7.28 -26.25
N THR B 265 -17.60 -8.15 -25.53
CA THR B 265 -17.55 -9.57 -25.87
C THR B 265 -18.20 -9.83 -27.23
N GLU B 266 -19.31 -9.15 -27.49
CA GLU B 266 -20.00 -9.33 -28.78
C GLU B 266 -19.20 -8.74 -29.94
N TRP B 267 -18.62 -7.56 -29.73
CA TRP B 267 -17.78 -6.95 -30.74
C TRP B 267 -16.65 -7.90 -31.11
N THR B 268 -16.03 -8.47 -30.08
CA THR B 268 -14.88 -9.33 -30.28
C THR B 268 -15.30 -10.62 -30.97
N LEU B 269 -16.45 -11.16 -30.59
CA LEU B 269 -16.97 -12.38 -31.18
C LEU B 269 -17.24 -12.19 -32.67
N ASN B 270 -17.89 -11.08 -33.03
CA ASN B 270 -18.15 -10.80 -34.44
C ASN B 270 -16.87 -10.58 -35.23
N TRP B 271 -15.97 -9.81 -34.63
CA TRP B 271 -14.66 -9.54 -35.21
C TRP B 271 -13.90 -10.83 -35.50
N ALA B 272 -13.86 -11.72 -34.51
CA ALA B 272 -13.16 -13.00 -34.64
C ALA B 272 -13.84 -13.90 -35.67
N HIS B 273 -15.17 -13.93 -35.66
CA HIS B 273 -15.93 -14.70 -36.63
C HIS B 273 -15.54 -14.32 -38.06
N GLN B 274 -15.45 -13.02 -38.33
CA GLN B 274 -15.12 -12.55 -39.67
C GLN B 274 -13.71 -12.95 -40.06
N LEU B 275 -12.76 -12.80 -39.13
CA LEU B 275 -11.40 -13.24 -39.41
C LEU B 275 -11.32 -14.72 -39.71
N ILE B 276 -12.06 -15.54 -38.95
CA ILE B 276 -12.00 -16.99 -39.13
C ILE B 276 -12.70 -17.38 -40.42
N GLU B 277 -13.86 -16.78 -40.67
CA GLU B 277 -14.61 -17.08 -41.91
C GLU B 277 -13.74 -16.83 -43.14
N ASN B 278 -12.92 -15.77 -43.08
CA ASN B 278 -12.11 -15.39 -44.24
C ASN B 278 -10.66 -15.87 -44.19
N ALA B 279 -10.32 -16.71 -43.22
CA ALA B 279 -8.94 -17.20 -43.10
C ALA B 279 -8.57 -18.11 -44.26
N PRO B 280 -7.27 -18.23 -44.56
CA PRO B 280 -6.82 -19.19 -45.56
C PRO B 280 -7.21 -20.64 -45.23
N HIS B 281 -7.26 -21.49 -46.25
CA HIS B 281 -7.41 -22.93 -46.06
C HIS B 281 -6.14 -23.62 -46.49
N PRO B 282 -5.16 -23.74 -45.59
CA PRO B 282 -3.82 -24.24 -45.96
C PRO B 282 -3.85 -25.73 -46.29
#